data_4C4D
#
_entry.id   4C4D
#
_cell.length_a   82.930
_cell.length_b   83.290
_cell.length_c   110.760
_cell.angle_alpha   90.00
_cell.angle_beta   90.00
_cell.angle_gamma   90.00
#
_symmetry.space_group_name_H-M   'I 2 2 2'
#
loop_
_entity.id
_entity.type
_entity.pdbx_description
1 polymer 'CELLULOSE 1,4-BETA-CELLOBIOSIDASE'
2 branched beta-D-glucopyranose-(1-4)-beta-D-glucopyranose
3 branched beta-D-glucopyranose-(1-4)-beta-D-glucopyranose-(1-4)-beta-D-glucopyranose-(1-4)-beta-D-glucopyranose-(1-4)-beta-D-glucopyranose-(1-4)-2-deoxy-2-fluoro-alpha-D-glucopyranose
4 non-polymer 'COBALT (II) ION'
5 non-polymer 2-acetamido-2-deoxy-beta-D-glucopyranose
6 non-polymer DI(HYDROXYETHYL)ETHER
7 water water
#
_entity_poly.entity_id   1
_entity_poly.type   'polypeptide(L)'
_entity_poly.pdbx_seq_one_letter_code
;(PCA)SACTLQSETHPPLTWQKCSSGGTCTQQTGSVVIDANWRWTHATNSSTNCYDGNTWSSTLCPDNETCAKNCCLDGA
AYASTYGVTTSGNSLSIDFVTQSAQKNVGARLYLMASDTTYQEFTLLGNEFSFDVDVSQLPCGLNGALYFVSMDADGGVS
KYPTNTAGAKYGTGYCDSQCPRDLKFINGQANVEGWEPSSNNANTGIGGHGSCCSEMDIWQANSISEALTPHPCTTVGQE
ICEGDGCGGTYSDNRYGGTCDPDGCDWNPYRLGNTSFYGPGSSFTLDTTKKLTVVTQFETSGAINRYYVQNGVTFQQPNA
ELGSYSGNELNDDYCTAEEAEFGGSSFSDKGGLTQFKKATSGGMVLVMSLWDDYYANMLWLDSTYPTNETSSTPGAVRGS
CSTSSGVPAQVESQSPNAKVTFSNIKFGPIGSTGNPSG
;
_entity_poly.pdbx_strand_id   A
#
# COMPACT_ATOMS: atom_id res chain seq x y z
N SER A 2 15.15 4.22 18.92
CA SER A 2 14.94 3.04 19.77
C SER A 2 13.45 2.82 20.00
N ALA A 3 13.13 1.81 20.80
CA ALA A 3 11.76 1.53 21.18
C ALA A 3 11.61 1.87 22.64
N CYS A 4 10.45 2.41 22.98
CA CYS A 4 10.08 2.65 24.37
C CYS A 4 8.82 1.85 24.68
N THR A 5 8.52 1.70 25.97
CA THR A 5 7.44 0.83 26.41
C THR A 5 6.47 1.49 27.39
N LEU A 6 6.26 2.80 27.26
CA LEU A 6 5.21 3.47 28.03
C LEU A 6 3.84 2.92 27.65
N GLN A 7 3.71 2.50 26.40
CA GLN A 7 2.53 1.76 25.93
CA GLN A 7 2.54 1.79 25.91
C GLN A 7 2.98 0.43 25.36
N SER A 8 2.32 -0.64 25.79
CA SER A 8 2.70 -1.97 25.34
C SER A 8 2.38 -2.18 23.86
N GLU A 9 3.16 -3.05 23.23
CA GLU A 9 3.01 -3.37 21.81
C GLU A 9 2.60 -4.85 21.68
N THR A 10 1.32 -5.07 21.39
CA THR A 10 0.79 -6.40 21.17
C THR A 10 0.21 -6.45 19.77
N HIS A 11 0.91 -7.16 18.88
CA HIS A 11 0.48 -7.24 17.49
C HIS A 11 -0.76 -8.08 17.34
N PRO A 12 -1.85 -7.53 16.76
CA PRO A 12 -3.04 -8.38 16.56
C PRO A 12 -2.70 -9.63 15.74
N PRO A 13 -3.08 -10.83 16.21
CA PRO A 13 -2.77 -12.03 15.44
CA PRO A 13 -2.79 -12.05 15.45
C PRO A 13 -3.56 -12.13 14.13
N LEU A 14 -2.99 -12.80 13.14
CA LEU A 14 -3.68 -12.99 11.88
C LEU A 14 -3.17 -14.30 11.29
N THR A 15 -4.07 -15.20 10.93
CA THR A 15 -3.67 -16.45 10.30
C THR A 15 -3.85 -16.34 8.80
N TRP A 16 -3.10 -17.17 8.09
CA TRP A 16 -3.20 -17.28 6.64
C TRP A 16 -2.83 -18.69 6.24
N GLN A 17 -3.14 -19.09 5.01
CA GLN A 17 -2.91 -20.46 4.56
C GLN A 17 -1.73 -20.53 3.61
N LYS A 18 -0.84 -21.49 3.84
CA LYS A 18 0.22 -21.81 2.89
C LYS A 18 -0.23 -23.07 2.16
N CYS A 19 -0.35 -23.00 0.84
CA CYS A 19 -0.87 -24.11 0.06
C CYS A 19 0.25 -24.79 -0.71
N SER A 20 0.04 -26.08 -0.99
CA SER A 20 1.04 -26.90 -1.66
CA SER A 20 1.03 -26.93 -1.64
CA SER A 20 1.05 -26.88 -1.67
C SER A 20 0.53 -27.41 -3.00
N SER A 21 1.44 -27.67 -3.92
CA SER A 21 1.07 -28.19 -5.24
CA SER A 21 1.12 -28.22 -5.24
C SER A 21 0.34 -29.52 -5.13
N GLY A 22 0.59 -30.27 -4.05
CA GLY A 22 -0.06 -31.56 -3.82
C GLY A 22 -1.55 -31.47 -3.46
N GLY A 23 -2.06 -30.26 -3.27
CA GLY A 23 -3.50 -30.08 -3.15
C GLY A 23 -4.03 -29.80 -1.76
N THR A 24 -3.13 -29.67 -0.78
CA THR A 24 -3.55 -29.34 0.59
C THR A 24 -2.96 -27.99 1.03
N CYS A 25 -3.62 -27.39 2.01
CA CYS A 25 -3.18 -26.12 2.58
C CYS A 25 -2.99 -26.29 4.09
N THR A 26 -2.04 -25.55 4.64
CA THR A 26 -1.72 -25.59 6.06
C THR A 26 -1.75 -24.19 6.66
N GLN A 27 -2.46 -24.05 7.77
CA GLN A 27 -2.57 -22.76 8.44
C GLN A 27 -1.25 -22.28 9.04
N GLN A 28 -0.97 -21.00 8.83
CA GLN A 28 0.18 -20.29 9.37
C GLN A 28 -0.33 -19.25 10.35
N THR A 29 0.43 -18.97 11.41
CA THR A 29 0.02 -17.96 12.37
C THR A 29 1.01 -16.80 12.36
N GLY A 30 0.50 -15.63 12.01
CA GLY A 30 1.29 -14.40 12.00
C GLY A 30 0.58 -13.35 12.83
N SER A 31 0.88 -12.10 12.53
CA SER A 31 0.29 -10.97 13.24
C SER A 31 0.51 -9.74 12.37
N VAL A 32 -0.09 -8.62 12.75
CA VAL A 32 0.12 -7.39 12.00
C VAL A 32 0.70 -6.29 12.91
N VAL A 33 1.50 -5.41 12.30
CA VAL A 33 2.15 -4.31 13.01
C VAL A 33 1.89 -3.02 12.25
N ILE A 34 1.63 -1.95 12.99
CA ILE A 34 1.40 -0.64 12.38
C ILE A 34 2.71 0.08 12.10
N ASP A 35 2.75 0.74 10.95
CA ASP A 35 3.89 1.54 10.51
C ASP A 35 4.28 2.59 11.56
N ALA A 36 5.58 2.79 11.68
CA ALA A 36 6.15 3.72 12.66
C ALA A 36 5.60 5.15 12.60
N ASN A 37 5.17 5.62 11.43
CA ASN A 37 4.66 7.00 11.30
C ASN A 37 3.42 7.28 12.15
N TRP A 38 2.67 6.24 12.48
CA TRP A 38 1.44 6.38 13.26
C TRP A 38 1.70 6.49 14.73
N ARG A 39 2.93 6.20 15.13
CA ARG A 39 3.28 6.07 16.56
C ARG A 39 3.63 7.38 17.21
N TRP A 40 3.54 7.39 18.53
CA TRP A 40 4.10 8.43 19.38
C TRP A 40 5.60 8.33 19.33
N THR A 41 6.26 9.42 18.95
CA THR A 41 7.72 9.52 18.96
C THR A 41 8.10 10.48 20.10
N HIS A 42 8.81 9.96 21.10
CA HIS A 42 9.16 10.77 22.27
C HIS A 42 10.58 10.58 22.73
N ALA A 43 11.02 11.46 23.64
CA ALA A 43 12.36 11.34 24.22
C ALA A 43 12.51 10.00 24.94
N THR A 44 13.70 9.42 24.87
CA THR A 44 13.94 8.08 25.43
C THR A 44 13.71 8.00 26.95
N ASN A 45 13.93 9.11 27.66
CA ASN A 45 13.80 9.09 29.12
CA ASN A 45 13.83 9.12 29.12
C ASN A 45 12.74 10.05 29.69
N SER A 46 11.77 10.42 28.86
CA SER A 46 10.64 11.22 29.30
C SER A 46 9.46 11.05 28.35
N SER A 47 8.38 11.77 28.62
CA SER A 47 7.19 11.74 27.77
CA SER A 47 7.20 11.73 27.76
C SER A 47 7.14 12.92 26.80
N THR A 48 8.23 13.68 26.73
CA THR A 48 8.31 14.84 25.83
C THR A 48 8.34 14.36 24.38
N ASN A 49 7.44 14.89 23.56
CA ASN A 49 7.38 14.53 22.14
C ASN A 49 8.61 14.96 21.36
N CYS A 50 9.09 14.08 20.48
CA CYS A 50 10.10 14.47 19.50
C CYS A 50 9.43 15.06 18.27
N TYR A 51 8.20 14.63 18.02
CA TYR A 51 7.43 15.08 16.89
C TYR A 51 6.04 15.31 17.42
N ASP A 52 5.45 16.45 17.03
CA ASP A 52 4.11 16.79 17.48
C ASP A 52 3.47 17.67 16.42
N GLY A 53 2.19 17.45 16.16
CA GLY A 53 1.53 18.14 15.05
C GLY A 53 2.25 17.81 13.76
N ASN A 54 2.80 18.83 13.11
CA ASN A 54 3.52 18.65 11.85
C ASN A 54 4.98 19.07 11.95
N THR A 55 5.48 19.18 13.17
CA THR A 55 6.78 19.79 13.50
CA THR A 55 6.83 19.66 13.35
C THR A 55 7.63 18.89 14.39
N TRP A 56 8.94 18.94 14.21
CA TRP A 56 9.88 18.28 15.12
C TRP A 56 10.32 19.20 16.22
N SER A 57 10.64 18.61 17.37
CA SER A 57 11.28 19.33 18.47
C SER A 57 12.65 19.83 18.02
N SER A 58 12.85 21.14 18.04
CA SER A 58 14.12 21.70 17.60
C SER A 58 15.26 21.42 18.58
N THR A 59 14.94 21.09 19.82
CA THR A 59 15.96 20.76 20.81
C THR A 59 16.30 19.28 20.84
N LEU A 60 15.29 18.40 20.84
CA LEU A 60 15.54 16.96 20.79
C LEU A 60 16.06 16.51 19.42
N CYS A 61 15.65 17.24 18.39
CA CYS A 61 15.93 16.85 17.01
C CYS A 61 16.55 17.96 16.17
N PRO A 62 17.77 18.43 16.54
CA PRO A 62 18.42 19.50 15.79
C PRO A 62 19.00 19.01 14.46
N ASP A 63 19.16 17.69 14.35
CA ASP A 63 19.67 17.05 13.13
C ASP A 63 19.21 15.60 13.13
N ASN A 64 19.37 14.92 12.00
CA ASN A 64 18.83 13.58 11.81
C ASN A 64 19.40 12.54 12.77
N GLU A 65 20.71 12.62 13.02
CA GLU A 65 21.39 11.64 13.85
C GLU A 65 21.09 11.87 15.33
N THR A 66 21.20 13.11 15.79
CA THR A 66 20.92 13.43 17.19
C THR A 66 19.48 13.08 17.54
N CYS A 67 18.56 13.37 16.61
CA CYS A 67 17.15 13.03 16.79
C CYS A 67 16.95 11.53 17.02
N ALA A 68 17.54 10.69 16.16
CA ALA A 68 17.40 9.24 16.34
C ALA A 68 18.02 8.73 17.64
N LYS A 69 19.12 9.35 18.08
CA LYS A 69 19.72 8.99 19.37
C LYS A 69 18.83 9.39 20.54
N ASN A 70 18.17 10.54 20.42
CA ASN A 70 17.34 11.07 21.51
C ASN A 70 15.93 10.52 21.60
N CYS A 71 15.47 9.88 20.53
CA CYS A 71 14.04 9.59 20.38
C CYS A 71 13.73 8.13 20.20
N CYS A 72 12.52 7.76 20.64
CA CYS A 72 12.05 6.39 20.51
C CYS A 72 10.60 6.35 20.01
N LEU A 73 10.25 5.21 19.43
CA LEU A 73 8.88 4.88 19.05
C LEU A 73 8.25 4.09 20.18
N ASP A 74 6.97 4.34 20.44
CA ASP A 74 6.28 3.62 21.51
C ASP A 74 5.20 2.70 20.95
N GLY A 75 4.55 1.95 21.83
CA GLY A 75 3.56 0.98 21.42
C GLY A 75 2.24 1.59 20.96
N ALA A 76 1.41 0.75 20.35
CA ALA A 76 0.15 1.19 19.75
C ALA A 76 -1.03 0.44 20.36
N ALA A 77 -2.11 1.18 20.65
CA ALA A 77 -3.37 0.59 21.07
C ALA A 77 -4.18 0.36 19.79
N TYR A 78 -4.06 -0.83 19.24
CA TYR A 78 -4.56 -1.15 17.90
C TYR A 78 -6.03 -0.85 17.67
N ALA A 79 -6.89 -1.34 18.57
CA ALA A 79 -8.32 -1.10 18.42
C ALA A 79 -8.71 0.32 18.81
N SER A 80 -8.31 0.76 20.00
CA SER A 80 -8.87 2.00 20.54
C SER A 80 -8.30 3.27 19.93
N THR A 81 -7.03 3.23 19.54
CA THR A 81 -6.44 4.38 18.86
C THR A 81 -6.54 4.27 17.34
N TYR A 82 -6.30 3.08 16.80
CA TYR A 82 -6.11 2.95 15.36
C TYR A 82 -7.24 2.28 14.59
N GLY A 83 -8.24 1.75 15.28
CA GLY A 83 -9.37 1.12 14.62
C GLY A 83 -8.99 -0.13 13.84
N VAL A 84 -7.95 -0.83 14.31
CA VAL A 84 -7.46 -2.05 13.68
C VAL A 84 -7.82 -3.22 14.57
N THR A 85 -8.54 -4.19 14.00
CA THR A 85 -8.90 -5.41 14.72
C THR A 85 -8.67 -6.63 13.83
N THR A 86 -8.45 -7.78 14.46
CA THR A 86 -8.40 -9.04 13.71
C THR A 86 -9.26 -10.08 14.39
N SER A 87 -9.68 -11.07 13.61
CA SER A 87 -10.38 -12.23 14.11
C SER A 87 -10.03 -13.39 13.21
N GLY A 88 -9.21 -14.31 13.70
CA GLY A 88 -8.80 -15.47 12.92
C GLY A 88 -8.02 -15.07 11.70
N ASN A 89 -8.62 -15.31 10.53
CA ASN A 89 -7.99 -14.94 9.26
C ASN A 89 -8.44 -13.60 8.70
N SER A 90 -9.18 -12.83 9.49
CA SER A 90 -9.75 -11.57 9.03
C SER A 90 -9.12 -10.36 9.74
N LEU A 91 -8.88 -9.32 8.95
CA LEU A 91 -8.34 -8.03 9.40
C LEU A 91 -9.29 -6.91 8.96
N SER A 92 -9.68 -6.07 9.91
CA SER A 92 -10.53 -4.90 9.64
C SER A 92 -9.79 -3.62 10.00
N ILE A 93 -9.88 -2.62 9.12
CA ILE A 93 -9.31 -1.30 9.36
C ILE A 93 -10.42 -0.27 9.22
N ASP A 94 -10.70 0.46 10.29
CA ASP A 94 -11.65 1.57 10.29
C ASP A 94 -11.03 2.83 9.70
N PHE A 95 -11.85 3.68 9.10
CA PHE A 95 -11.36 4.92 8.48
C PHE A 95 -10.99 5.99 9.52
N VAL A 96 -11.97 6.50 10.26
CA VAL A 96 -11.69 7.51 11.28
C VAL A 96 -11.94 6.93 12.66
N THR A 97 -10.93 7.02 13.53
CA THR A 97 -11.08 6.58 14.92
C THR A 97 -10.77 7.75 15.84
N GLN A 98 -11.75 8.07 16.69
CA GLN A 98 -11.61 9.15 17.66
CA GLN A 98 -11.59 9.15 17.66
C GLN A 98 -11.19 8.58 19.02
N SER A 99 -10.03 9.00 19.51
CA SER A 99 -9.63 8.68 20.88
C SER A 99 -9.32 10.03 21.53
N ALA A 100 -8.17 10.15 22.19
CA ALA A 100 -7.71 11.45 22.70
C ALA A 100 -7.47 12.39 21.52
N GLN A 101 -7.13 11.79 20.37
CA GLN A 101 -6.97 12.52 19.12
C GLN A 101 -7.65 11.74 18.00
N LYS A 102 -7.73 12.35 16.83
CA LYS A 102 -8.28 11.70 15.64
C LYS A 102 -7.19 10.87 14.98
N ASN A 103 -7.56 9.70 14.48
CA ASN A 103 -6.68 8.89 13.62
C ASN A 103 -7.39 8.58 12.33
N VAL A 104 -6.66 8.63 11.21
CA VAL A 104 -7.21 8.26 9.91
C VAL A 104 -6.48 7.04 9.34
N GLY A 105 -7.19 5.93 9.24
CA GLY A 105 -6.67 4.73 8.60
C GLY A 105 -5.44 4.14 9.26
N ALA A 106 -4.73 3.31 8.52
CA ALA A 106 -3.58 2.61 9.06
C ALA A 106 -2.81 2.00 7.90
N ARG A 107 -1.53 1.71 8.12
CA ARG A 107 -0.73 0.90 7.20
C ARG A 107 -0.08 -0.18 8.05
N LEU A 108 -0.30 -1.43 7.66
CA LEU A 108 0.04 -2.60 8.48
C LEU A 108 0.89 -3.59 7.69
N TYR A 109 1.84 -4.21 8.38
CA TYR A 109 2.69 -5.26 7.77
C TYR A 109 2.43 -6.62 8.42
N LEU A 110 2.44 -7.67 7.61
CA LEU A 110 2.29 -9.01 8.14
C LEU A 110 3.63 -9.48 8.71
N MET A 111 3.58 -9.95 9.96
CA MET A 111 4.77 -10.41 10.66
CA MET A 111 4.75 -10.41 10.71
C MET A 111 4.93 -11.92 10.64
N ALA A 112 6.18 -12.36 10.76
CA ALA A 112 6.54 -13.77 10.91
C ALA A 112 6.75 -14.12 12.39
N SER A 113 7.27 -13.16 13.16
CA SER A 113 7.45 -13.31 14.59
C SER A 113 7.21 -11.93 15.12
N ASP A 114 7.26 -11.76 16.44
CA ASP A 114 7.00 -10.44 16.99
CA ASP A 114 7.05 -10.47 17.09
C ASP A 114 8.06 -9.43 16.64
N THR A 115 9.16 -9.87 16.03
CA THR A 115 10.25 -8.96 15.70
C THR A 115 10.73 -8.97 14.26
N THR A 116 10.01 -9.70 13.39
CA THR A 116 10.41 -9.84 11.98
C THR A 116 9.20 -9.85 11.06
N TYR A 117 9.38 -9.28 9.88
CA TYR A 117 8.33 -9.34 8.85
C TYR A 117 8.32 -10.68 8.13
N GLN A 118 7.13 -11.10 7.71
CA GLN A 118 7.00 -12.25 6.82
C GLN A 118 7.46 -11.82 5.42
N GLU A 119 8.26 -12.66 4.76
CA GLU A 119 8.65 -12.41 3.39
C GLU A 119 8.01 -13.46 2.49
N PHE A 120 7.54 -13.01 1.33
CA PHE A 120 6.91 -13.86 0.34
C PHE A 120 7.70 -13.75 -0.95
N THR A 121 7.96 -14.89 -1.57
CA THR A 121 8.53 -14.94 -2.91
C THR A 121 7.38 -15.15 -3.88
N LEU A 122 7.04 -14.10 -4.62
CA LEU A 122 5.84 -14.16 -5.46
C LEU A 122 6.01 -14.97 -6.73
N LEU A 123 7.20 -14.94 -7.33
CA LEU A 123 7.39 -15.57 -8.64
C LEU A 123 7.13 -17.07 -8.62
N GLY A 124 6.26 -17.52 -9.52
CA GLY A 124 5.84 -18.92 -9.62
C GLY A 124 4.66 -19.23 -8.72
N ASN A 125 4.27 -18.25 -7.90
CA ASN A 125 3.22 -18.46 -6.92
C ASN A 125 2.01 -17.59 -7.20
N GLU A 126 0.95 -17.84 -6.43
CA GLU A 126 -0.24 -17.02 -6.49
C GLU A 126 -0.65 -16.62 -5.09
N PHE A 127 -1.34 -15.50 -5.01
CA PHE A 127 -1.80 -14.94 -3.77
C PHE A 127 -3.30 -14.73 -3.92
N SER A 128 -4.06 -15.28 -2.97
CA SER A 128 -5.52 -15.16 -2.94
C SER A 128 -5.96 -14.47 -1.65
N PHE A 129 -6.97 -13.61 -1.76
CA PHE A 129 -7.60 -13.05 -0.56
C PHE A 129 -9.05 -12.72 -0.85
N ASP A 130 -9.82 -12.62 0.22
CA ASP A 130 -11.17 -12.10 0.17
C ASP A 130 -11.18 -10.67 0.67
N VAL A 131 -12.08 -9.86 0.12
CA VAL A 131 -12.19 -8.47 0.54
C VAL A 131 -13.63 -8.02 0.53
N ASP A 132 -13.95 -7.18 1.51
CA ASP A 132 -15.21 -6.47 1.53
C ASP A 132 -14.90 -4.99 1.36
N VAL A 133 -15.26 -4.44 0.21
CA VAL A 133 -15.04 -3.03 -0.11
C VAL A 133 -16.33 -2.22 -0.04
N SER A 134 -17.40 -2.86 0.46
CA SER A 134 -18.74 -2.23 0.42
C SER A 134 -18.80 -0.91 1.16
N GLN A 135 -17.96 -0.76 2.18
CA GLN A 135 -17.95 0.45 3.00
C GLN A 135 -16.84 1.42 2.60
N LEU A 136 -16.40 1.34 1.35
CA LEU A 136 -15.38 2.26 0.81
CA LEU A 136 -15.38 2.26 0.82
C LEU A 136 -15.96 3.12 -0.29
N PRO A 137 -16.30 4.39 0.02
CA PRO A 137 -16.82 5.31 -0.98
CA PRO A 137 -16.81 5.30 -0.99
C PRO A 137 -15.70 5.91 -1.83
N CYS A 138 -16.08 6.73 -2.81
CA CYS A 138 -15.16 7.52 -3.60
C CYS A 138 -14.12 8.20 -2.69
N GLY A 139 -12.87 8.21 -3.12
CA GLY A 139 -11.83 8.94 -2.40
C GLY A 139 -11.05 8.12 -1.38
N LEU A 140 -11.50 6.90 -1.11
CA LEU A 140 -10.78 5.99 -0.19
C LEU A 140 -10.10 4.87 -0.96
N ASN A 141 -9.08 4.29 -0.33
CA ASN A 141 -8.33 3.20 -0.95
C ASN A 141 -8.00 2.18 0.13
N GLY A 142 -8.61 1.01 0.05
CA GLY A 142 -8.20 -0.15 0.84
C GLY A 142 -7.20 -0.90 -0.01
N ALA A 143 -5.94 -0.86 0.38
CA ALA A 143 -4.85 -1.38 -0.44
C ALA A 143 -4.26 -2.64 0.17
N LEU A 144 -3.94 -3.59 -0.71
CA LEU A 144 -3.17 -4.77 -0.34
C LEU A 144 -2.06 -4.87 -1.37
N TYR A 145 -0.81 -4.93 -0.90
CA TYR A 145 0.32 -4.85 -1.80
C TYR A 145 1.58 -5.41 -1.16
N PHE A 146 2.63 -5.51 -1.96
CA PHE A 146 3.91 -6.04 -1.50
C PHE A 146 5.00 -5.03 -1.80
N VAL A 147 5.96 -4.93 -0.90
CA VAL A 147 7.13 -4.07 -1.09
C VAL A 147 8.41 -4.82 -0.69
N SER A 148 9.52 -4.46 -1.34
CA SER A 148 10.80 -5.10 -1.07
C SER A 148 11.49 -4.52 0.17
N MET A 149 10.87 -4.70 1.34
CA MET A 149 11.42 -4.28 2.63
C MET A 149 12.31 -5.37 3.24
N ASP A 150 13.25 -4.95 4.08
CA ASP A 150 14.10 -5.86 4.88
C ASP A 150 13.25 -6.53 5.95
N ALA A 151 13.53 -7.81 6.22
CA ALA A 151 12.74 -8.58 7.18
C ALA A 151 12.83 -8.03 8.61
N ASP A 152 13.96 -7.40 8.93
CA ASP A 152 14.15 -6.83 10.26
C ASP A 152 13.78 -5.35 10.36
N GLY A 153 13.23 -4.78 9.29
CA GLY A 153 12.87 -3.36 9.27
C GLY A 153 14.05 -2.42 9.21
N GLY A 154 15.23 -2.93 8.88
CA GLY A 154 16.43 -2.11 8.67
C GLY A 154 17.49 -2.16 9.75
N VAL A 155 17.24 -2.90 10.83
CA VAL A 155 18.13 -2.89 12.00
C VAL A 155 19.56 -3.34 11.67
N SER A 156 19.72 -4.42 10.92
CA SER A 156 21.07 -4.95 10.65
C SER A 156 21.91 -3.99 9.83
N LYS A 157 21.28 -3.28 8.91
CA LYS A 157 21.99 -2.31 8.08
C LYS A 157 22.23 -0.99 8.80
N TYR A 158 21.32 -0.62 9.70
CA TYR A 158 21.33 0.70 10.36
C TYR A 158 21.13 0.53 11.86
N PRO A 159 22.21 0.22 12.58
CA PRO A 159 22.09 -0.13 14.00
C PRO A 159 21.56 0.97 14.92
N THR A 160 21.49 2.21 14.44
CA THR A 160 20.85 3.30 15.19
C THR A 160 19.30 3.18 15.16
N ASN A 161 18.81 2.25 14.34
CA ASN A 161 17.43 1.78 14.44
C ASN A 161 17.45 0.50 15.26
N THR A 162 17.02 0.57 16.52
CA THR A 162 16.91 -0.63 17.34
C THR A 162 15.44 -1.03 17.56
N ALA A 163 14.51 -0.21 17.06
CA ALA A 163 13.08 -0.50 17.17
C ALA A 163 12.66 -1.61 16.21
N GLY A 164 13.05 -1.50 14.96
CA GLY A 164 12.86 -2.57 14.00
C GLY A 164 11.43 -2.86 13.57
N ALA A 165 11.27 -4.04 12.98
CA ALA A 165 9.98 -4.52 12.49
C ALA A 165 8.91 -4.59 13.58
N LYS A 166 9.31 -4.84 14.83
CA LYS A 166 8.38 -4.84 15.95
C LYS A 166 7.60 -3.52 16.07
N TYR A 167 8.22 -2.44 15.63
CA TYR A 167 7.61 -1.11 15.68
C TYR A 167 7.35 -0.55 14.28
N GLY A 168 7.34 -1.43 13.29
CA GLY A 168 6.94 -1.03 11.95
C GLY A 168 7.90 -0.08 11.23
N THR A 169 9.21 -0.26 11.44
CA THR A 169 10.21 0.55 10.74
C THR A 169 10.54 -0.03 9.36
N GLY A 170 11.22 0.76 8.54
CA GLY A 170 11.81 0.24 7.31
C GLY A 170 10.98 0.32 6.06
N TYR A 171 9.84 1.00 6.13
CA TYR A 171 8.96 1.08 4.97
C TYR A 171 9.64 1.71 3.78
N CYS A 172 9.23 1.26 2.60
CA CYS A 172 9.66 1.86 1.35
C CYS A 172 8.57 1.52 0.34
N ASP A 173 8.46 2.31 -0.71
CA ASP A 173 7.62 1.94 -1.85
C ASP A 173 8.07 2.69 -3.09
N SER A 174 7.35 2.56 -4.19
CA SER A 174 7.77 3.13 -5.47
CA SER A 174 7.83 3.13 -5.43
C SER A 174 7.67 4.65 -5.54
N GLN A 175 7.02 5.26 -4.54
CA GLN A 175 6.96 6.72 -4.44
C GLN A 175 8.23 7.28 -3.85
N CYS A 176 9.11 6.40 -3.35
CA CYS A 176 10.29 6.86 -2.59
C CYS A 176 9.84 7.86 -1.52
N PRO A 177 8.87 7.45 -0.66
CA PRO A 177 8.19 8.43 0.20
C PRO A 177 9.09 9.21 1.13
N ARG A 178 8.85 10.52 1.16
CA ARG A 178 9.62 11.46 1.96
C ARG A 178 8.88 11.92 3.21
N ASP A 179 7.67 11.41 3.42
CA ASP A 179 6.85 11.77 4.58
C ASP A 179 7.23 10.94 5.82
N LEU A 180 8.07 9.93 5.63
CA LEU A 180 8.49 9.05 6.72
C LEU A 180 9.36 9.81 7.70
N LYS A 181 9.10 9.58 8.97
CA LYS A 181 9.80 10.32 10.02
C LYS A 181 11.18 9.73 10.34
N PHE A 182 11.34 8.42 10.12
CA PHE A 182 12.65 7.77 10.26
C PHE A 182 12.95 6.93 9.04
N ILE A 183 14.15 7.12 8.48
CA ILE A 183 14.65 6.34 7.35
C ILE A 183 16.11 6.00 7.65
N ASN A 184 16.45 4.72 7.51
CA ASN A 184 17.84 4.23 7.68
C ASN A 184 18.41 4.59 9.05
N GLY A 185 17.61 4.46 10.09
CA GLY A 185 18.09 4.69 11.45
C GLY A 185 18.40 6.14 11.76
N GLN A 186 17.90 7.06 10.95
CA GLN A 186 18.08 8.49 11.13
C GLN A 186 16.70 9.12 11.06
N ALA A 187 16.47 10.21 11.79
CA ALA A 187 15.24 10.96 11.61
C ALA A 187 15.25 11.63 10.24
N ASN A 188 14.15 12.26 9.89
CA ASN A 188 14.01 12.95 8.61
C ASN A 188 13.71 14.43 8.85
N VAL A 189 14.20 14.95 9.97
CA VAL A 189 13.99 16.35 10.35
C VAL A 189 14.70 17.34 9.43
N GLU A 190 15.87 16.98 8.92
CA GLU A 190 16.57 17.88 8.03
C GLU A 190 15.79 18.07 6.72
N GLY A 191 15.48 19.32 6.40
CA GLY A 191 14.67 19.65 5.23
C GLY A 191 13.17 19.52 5.44
N TRP A 192 12.74 19.29 6.67
CA TRP A 192 11.30 19.07 6.94
C TRP A 192 10.47 20.26 6.61
N GLU A 193 9.43 20.02 5.82
CA GLU A 193 8.45 21.05 5.49
C GLU A 193 7.06 20.53 5.85
N PRO A 194 6.32 21.24 6.72
CA PRO A 194 4.98 20.80 7.09
CA PRO A 194 4.98 20.82 7.09
C PRO A 194 4.05 20.80 5.88
N SER A 195 3.11 19.86 5.85
CA SER A 195 2.07 19.81 4.82
CA SER A 195 2.13 19.84 4.78
C SER A 195 1.17 21.01 4.93
N SER A 196 0.55 21.42 3.81
CA SER A 196 -0.41 22.52 3.80
CA SER A 196 -0.40 22.53 3.84
C SER A 196 -1.75 22.13 4.44
N ASN A 197 -2.16 20.89 4.19
CA ASN A 197 -3.52 20.44 4.46
CA ASN A 197 -3.52 20.46 4.49
C ASN A 197 -3.65 19.34 5.51
N ASN A 198 -2.54 18.79 5.96
CA ASN A 198 -2.61 17.69 6.92
C ASN A 198 -1.87 18.06 8.20
N ALA A 199 -2.62 18.24 9.27
CA ALA A 199 -2.07 18.70 10.55
C ALA A 199 -0.97 17.80 11.13
N ASN A 200 -0.93 16.54 10.70
CA ASN A 200 -0.01 15.56 11.25
C ASN A 200 1.24 15.29 10.42
N THR A 201 1.35 15.87 9.23
CA THR A 201 2.34 15.39 8.28
C THR A 201 3.23 16.46 7.69
N GLY A 202 4.33 16.01 7.10
CA GLY A 202 5.21 16.86 6.32
C GLY A 202 6.03 16.04 5.34
N ILE A 203 7.04 16.69 4.78
CA ILE A 203 7.92 16.08 3.80
C ILE A 203 9.35 16.42 4.21
N GLY A 204 10.20 15.41 4.34
CA GLY A 204 11.61 15.60 4.71
C GLY A 204 12.57 15.54 3.55
N GLY A 205 13.85 15.76 3.86
CA GLY A 205 14.92 15.73 2.87
C GLY A 205 15.29 14.37 2.31
N HIS A 206 14.87 13.30 2.98
CA HIS A 206 15.12 11.92 2.53
C HIS A 206 13.85 11.20 2.21
N GLY A 207 13.95 10.23 1.30
CA GLY A 207 12.86 9.29 1.01
C GLY A 207 13.37 7.86 1.04
N SER A 208 12.45 6.90 0.91
CA SER A 208 12.77 5.48 1.01
C SER A 208 12.17 4.69 -0.15
N CYS A 209 13.02 4.31 -1.10
CA CYS A 209 12.60 3.67 -2.35
C CYS A 209 12.66 2.17 -2.28
N CYS A 210 11.68 1.50 -2.91
CA CYS A 210 11.84 0.09 -3.29
C CYS A 210 10.72 -0.36 -4.21
N SER A 211 10.94 -1.52 -4.80
CA SER A 211 9.97 -2.17 -5.69
C SER A 211 8.66 -2.40 -4.96
N GLU A 212 7.57 -2.34 -5.74
CA GLU A 212 6.23 -2.37 -5.17
CA GLU A 212 6.25 -2.40 -5.17
C GLU A 212 5.30 -3.10 -6.12
N MET A 213 4.58 -4.08 -5.58
CA MET A 213 3.57 -4.81 -6.33
C MET A 213 2.19 -4.47 -5.76
N ASP A 214 1.43 -3.61 -6.46
CA ASP A 214 0.09 -3.22 -6.03
CA ASP A 214 0.10 -3.27 -6.00
C ASP A 214 -0.90 -4.31 -6.46
N ILE A 215 -1.13 -5.30 -5.61
CA ILE A 215 -2.12 -6.33 -5.93
C ILE A 215 -3.51 -5.70 -6.03
N TRP A 216 -3.79 -4.79 -5.12
CA TRP A 216 -5.14 -4.31 -4.90
C TRP A 216 -5.15 -2.90 -4.42
N GLN A 217 -5.56 -1.97 -5.30
CA GLN A 217 -5.86 -0.57 -4.96
CA GLN A 217 -5.89 -0.63 -4.86
C GLN A 217 -7.34 -0.43 -5.25
N ALA A 218 -8.19 -0.20 -4.25
CA ALA A 218 -9.62 -0.29 -4.54
C ALA A 218 -10.54 0.37 -3.54
N ASN A 219 -11.71 0.74 -4.05
CA ASN A 219 -12.87 1.03 -3.21
C ASN A 219 -14.09 0.38 -3.86
N SER A 220 -15.29 0.79 -3.47
CA SER A 220 -16.49 0.18 -4.04
C SER A 220 -16.75 0.57 -5.50
N ILE A 221 -15.98 1.53 -6.02
CA ILE A 221 -16.19 2.07 -7.38
C ILE A 221 -15.14 1.59 -8.39
N SER A 222 -13.87 1.55 -7.99
CA SER A 222 -12.78 1.21 -8.90
CA SER A 222 -12.80 1.16 -8.91
C SER A 222 -11.73 0.33 -8.23
N GLU A 223 -11.00 -0.42 -9.05
CA GLU A 223 -9.91 -1.26 -8.58
C GLU A 223 -8.80 -1.30 -9.63
N ALA A 224 -7.55 -1.42 -9.16
CA ALA A 224 -6.40 -1.48 -10.04
C ALA A 224 -5.34 -2.46 -9.54
N LEU A 225 -4.62 -3.06 -10.49
CA LEU A 225 -3.52 -3.99 -10.27
C LEU A 225 -2.29 -3.37 -10.93
N THR A 226 -1.17 -3.22 -10.21
CA THR A 226 -0.05 -2.40 -10.71
C THR A 226 1.34 -2.80 -10.19
N PRO A 227 2.19 -3.40 -11.04
CA PRO A 227 3.60 -3.58 -10.67
C PRO A 227 4.43 -2.29 -10.91
N HIS A 228 5.40 -2.05 -10.02
CA HIS A 228 6.31 -0.90 -10.14
C HIS A 228 7.74 -1.34 -10.00
N PRO A 229 8.55 -1.23 -11.08
CA PRO A 229 9.98 -1.50 -10.99
C PRO A 229 10.78 -0.32 -10.43
N CYS A 230 11.93 -0.62 -9.82
CA CYS A 230 12.92 0.38 -9.46
C CYS A 230 14.28 -0.12 -9.91
N THR A 231 15.19 0.79 -10.20
CA THR A 231 16.52 0.38 -10.65
C THR A 231 17.36 -0.24 -9.53
N THR A 232 17.09 0.10 -8.27
CA THR A 232 17.54 -0.69 -7.13
C THR A 232 16.33 -1.47 -6.63
N VAL A 233 16.45 -2.77 -6.54
CA VAL A 233 15.28 -3.61 -6.26
C VAL A 233 14.73 -3.40 -4.84
N GLY A 234 15.62 -3.45 -3.86
CA GLY A 234 15.24 -3.36 -2.46
C GLY A 234 15.32 -1.95 -1.91
N GLN A 235 15.19 -1.84 -0.59
CA GLN A 235 15.11 -0.55 0.06
C GLN A 235 16.38 0.26 -0.12
N GLU A 236 16.21 1.52 -0.48
CA GLU A 236 17.32 2.44 -0.68
C GLU A 236 16.87 3.86 -0.42
N ILE A 237 17.68 4.60 0.33
CA ILE A 237 17.43 6.01 0.62
C ILE A 237 17.62 6.85 -0.65
N CYS A 238 16.86 7.95 -0.74
CA CYS A 238 17.02 8.92 -1.81
C CYS A 238 17.09 10.32 -1.21
N GLU A 239 17.62 11.26 -1.99
CA GLU A 239 17.84 12.64 -1.58
C GLU A 239 16.90 13.64 -2.27
N GLY A 240 16.09 14.33 -1.47
CA GLY A 240 15.28 15.46 -1.98
C GLY A 240 14.42 15.14 -3.18
N ASP A 241 14.33 16.07 -4.14
CA ASP A 241 13.48 15.89 -5.31
C ASP A 241 13.98 14.78 -6.25
N GLY A 242 15.21 14.32 -6.03
CA GLY A 242 15.75 13.14 -6.70
C GLY A 242 14.99 11.87 -6.38
N CYS A 243 14.19 11.91 -5.32
CA CYS A 243 13.29 10.81 -4.95
C CYS A 243 12.16 10.65 -5.95
N GLY A 244 11.77 11.72 -6.62
CA GLY A 244 10.55 11.72 -7.41
C GLY A 244 9.35 11.37 -6.55
N GLY A 245 8.33 10.79 -7.17
CA GLY A 245 7.13 10.36 -6.46
C GLY A 245 6.22 11.48 -6.00
N THR A 246 5.14 11.08 -5.34
CA THR A 246 4.11 11.97 -4.80
C THR A 246 4.66 13.17 -4.01
N TYR A 247 5.72 12.92 -3.24
CA TYR A 247 6.23 13.90 -2.27
C TYR A 247 7.32 14.82 -2.80
N SER A 248 7.60 14.74 -4.10
CA SER A 248 8.55 15.65 -4.75
C SER A 248 7.81 16.52 -5.77
N ASP A 249 8.42 17.63 -6.17
CA ASP A 249 7.79 18.51 -7.16
C ASP A 249 7.80 17.85 -8.55
N ASN A 250 8.86 17.10 -8.82
CA ASN A 250 8.97 16.30 -10.04
CA ASN A 250 8.96 16.31 -10.04
C ASN A 250 8.70 14.84 -9.72
N ARG A 251 7.59 14.34 -10.24
CA ARG A 251 7.14 12.97 -9.99
C ARG A 251 8.07 11.90 -10.56
N TYR A 252 8.64 12.19 -11.72
CA TYR A 252 9.32 11.19 -12.55
C TYR A 252 10.82 11.31 -12.55
N GLY A 253 11.36 12.07 -11.60
CA GLY A 253 12.78 12.35 -11.55
C GLY A 253 13.57 11.43 -10.63
N GLY A 254 13.00 10.29 -10.28
CA GLY A 254 13.68 9.34 -9.38
C GLY A 254 14.09 7.99 -9.96
N THR A 255 14.49 7.08 -9.06
CA THR A 255 14.97 5.73 -9.41
C THR A 255 13.87 4.67 -9.47
N CYS A 256 12.68 5.02 -8.97
CA CYS A 256 11.55 4.12 -9.03
C CYS A 256 10.55 4.63 -10.02
N ASP A 257 9.67 3.75 -10.47
CA ASP A 257 8.56 4.14 -11.30
C ASP A 257 7.34 4.33 -10.41
N PRO A 258 6.91 5.59 -10.20
CA PRO A 258 5.81 5.84 -9.27
C PRO A 258 4.42 5.57 -9.85
N ASP A 259 4.34 5.35 -11.17
CA ASP A 259 3.06 5.15 -11.82
CA ASP A 259 3.06 5.15 -11.85
C ASP A 259 2.76 3.66 -12.01
N GLY A 260 3.76 2.91 -12.47
CA GLY A 260 3.60 1.48 -12.69
C GLY A 260 2.91 1.16 -14.00
N CYS A 261 2.81 -0.12 -14.30
CA CYS A 261 2.01 -0.59 -15.42
C CYS A 261 0.68 -1.01 -14.83
N ASP A 262 -0.29 -0.10 -14.83
CA ASP A 262 -1.52 -0.31 -14.09
C ASP A 262 -2.58 -0.95 -14.96
N TRP A 263 -3.38 -1.82 -14.35
CA TRP A 263 -4.51 -2.42 -15.01
C TRP A 263 -5.75 -2.16 -14.20
N ASN A 264 -6.58 -1.23 -14.68
CA ASN A 264 -7.85 -0.89 -14.09
C ASN A 264 -8.91 -1.19 -15.15
N PRO A 265 -9.78 -2.20 -14.91
CA PRO A 265 -10.69 -2.60 -16.00
C PRO A 265 -11.60 -1.47 -16.51
N TYR A 266 -12.02 -0.57 -15.61
CA TYR A 266 -12.84 0.58 -16.00
C TYR A 266 -12.06 1.49 -16.93
N ARG A 267 -10.82 1.80 -16.55
CA ARG A 267 -9.93 2.65 -17.36
C ARG A 267 -9.72 2.07 -18.76
N LEU A 268 -9.69 0.74 -18.84
CA LEU A 268 -9.47 0.05 -20.11
C LEU A 268 -10.73 -0.14 -20.96
N GLY A 269 -11.88 0.30 -20.44
CA GLY A 269 -13.11 0.34 -21.23
C GLY A 269 -14.28 -0.48 -20.72
N ASN A 270 -14.01 -1.41 -19.80
CA ASN A 270 -15.08 -2.23 -19.26
C ASN A 270 -15.66 -1.60 -18.01
N THR A 271 -16.67 -0.77 -18.23
CA THR A 271 -17.24 0.02 -17.16
C THR A 271 -18.35 -0.72 -16.42
N SER A 272 -18.61 -1.96 -16.82
CA SER A 272 -19.67 -2.80 -16.24
CA SER A 272 -19.66 -2.74 -16.16
C SER A 272 -19.13 -3.94 -15.38
N PHE A 273 -17.82 -4.04 -15.27
CA PHE A 273 -17.22 -5.19 -14.59
C PHE A 273 -17.29 -5.15 -13.07
N TYR A 274 -17.08 -3.97 -12.49
CA TYR A 274 -16.84 -3.86 -11.05
C TYR A 274 -17.54 -2.63 -10.51
N GLY A 275 -18.51 -2.83 -9.61
CA GLY A 275 -19.22 -1.70 -9.02
C GLY A 275 -20.33 -2.16 -8.12
N PRO A 276 -21.02 -1.20 -7.48
CA PRO A 276 -22.04 -1.53 -6.49
C PRO A 276 -23.33 -2.02 -7.10
N GLY A 277 -23.77 -3.21 -6.70
CA GLY A 277 -25.06 -3.73 -7.10
C GLY A 277 -25.04 -4.72 -8.25
N SER A 278 -26.23 -5.18 -8.59
CA SER A 278 -26.37 -6.30 -9.51
C SER A 278 -26.18 -5.92 -10.99
N SER A 279 -25.98 -4.64 -11.28
CA SER A 279 -25.72 -4.21 -12.67
C SER A 279 -24.26 -4.41 -13.10
N PHE A 280 -23.41 -4.86 -12.16
CA PHE A 280 -21.99 -5.09 -12.43
C PHE A 280 -21.68 -6.59 -12.39
N THR A 281 -20.64 -7.01 -13.11
CA THR A 281 -20.23 -8.41 -13.09
C THR A 281 -19.85 -8.84 -11.67
N LEU A 282 -19.02 -8.02 -11.03
CA LEU A 282 -18.70 -8.16 -9.60
C LEU A 282 -19.40 -7.06 -8.83
N ASP A 283 -20.21 -7.48 -7.87
CA ASP A 283 -21.04 -6.60 -7.05
C ASP A 283 -20.26 -6.22 -5.80
N THR A 284 -19.83 -4.96 -5.73
CA THR A 284 -18.95 -4.53 -4.62
C THR A 284 -19.68 -4.30 -3.30
N THR A 285 -20.99 -4.51 -3.26
CA THR A 285 -21.71 -4.55 -1.99
C THR A 285 -21.49 -5.87 -1.25
N LYS A 286 -20.90 -6.85 -1.93
CA LYS A 286 -20.69 -8.20 -1.36
C LYS A 286 -19.22 -8.56 -1.40
N LYS A 287 -18.82 -9.46 -0.48
CA LYS A 287 -17.46 -9.95 -0.43
CA LYS A 287 -17.46 -10.00 -0.41
C LYS A 287 -17.06 -10.59 -1.77
N LEU A 288 -15.79 -10.45 -2.11
CA LEU A 288 -15.29 -11.11 -3.31
CA LEU A 288 -15.21 -10.92 -3.37
C LEU A 288 -13.88 -11.63 -3.09
N THR A 289 -13.54 -12.63 -3.90
CA THR A 289 -12.23 -13.29 -3.85
C THR A 289 -11.39 -12.82 -5.04
N VAL A 290 -10.14 -12.46 -4.77
CA VAL A 290 -9.23 -11.91 -5.78
C VAL A 290 -7.98 -12.78 -5.80
N VAL A 291 -7.67 -13.37 -6.95
CA VAL A 291 -6.51 -14.24 -7.07
C VAL A 291 -5.54 -13.67 -8.10
N THR A 292 -4.25 -13.63 -7.74
CA THR A 292 -3.23 -12.99 -8.57
C THR A 292 -2.05 -13.94 -8.71
N GLN A 293 -1.69 -14.25 -9.96
CA GLN A 293 -0.73 -15.31 -10.26
C GLN A 293 0.49 -14.74 -10.96
N PHE A 294 1.67 -15.11 -10.48
CA PHE A 294 2.91 -14.56 -10.99
C PHE A 294 3.69 -15.60 -11.79
N GLU A 295 3.35 -15.75 -13.07
CA GLU A 295 4.02 -16.79 -13.86
C GLU A 295 5.50 -16.48 -14.06
N THR A 296 6.30 -17.50 -14.28
CA THR A 296 7.74 -17.29 -14.33
C THR A 296 8.23 -16.44 -15.51
N SER A 297 7.39 -16.25 -16.52
CA SER A 297 7.74 -15.33 -17.62
C SER A 297 7.87 -13.89 -17.13
N GLY A 298 7.28 -13.58 -15.97
CA GLY A 298 7.23 -12.22 -15.47
C GLY A 298 5.88 -11.54 -15.68
N ALA A 299 4.98 -12.18 -16.43
CA ALA A 299 3.62 -11.67 -16.61
C ALA A 299 2.73 -11.99 -15.40
N ILE A 300 1.63 -11.25 -15.28
CA ILE A 300 0.74 -11.38 -14.15
C ILE A 300 -0.67 -11.72 -14.64
N ASN A 301 -1.25 -12.77 -14.06
CA ASN A 301 -2.61 -13.16 -14.37
C ASN A 301 -3.53 -12.98 -13.17
N ARG A 302 -4.82 -12.84 -13.44
CA ARG A 302 -5.75 -12.44 -12.42
C ARG A 302 -7.10 -13.05 -12.70
N TYR A 303 -7.71 -13.61 -11.67
CA TYR A 303 -9.12 -13.97 -11.75
C TYR A 303 -9.82 -13.66 -10.45
N TYR A 304 -11.15 -13.66 -10.49
CA TYR A 304 -11.99 -13.29 -9.36
C TYR A 304 -13.04 -14.37 -9.17
N VAL A 305 -13.52 -14.51 -7.94
CA VAL A 305 -14.63 -15.42 -7.65
C VAL A 305 -15.63 -14.70 -6.77
N GLN A 306 -16.89 -14.74 -7.13
CA GLN A 306 -17.95 -14.23 -6.27
C GLN A 306 -19.16 -15.13 -6.40
N ASN A 307 -19.68 -15.55 -5.24
CA ASN A 307 -20.81 -16.50 -5.19
C ASN A 307 -20.60 -17.76 -6.03
N GLY A 308 -19.37 -18.26 -6.03
CA GLY A 308 -19.04 -19.50 -6.73
C GLY A 308 -18.82 -19.36 -8.23
N VAL A 309 -18.96 -18.15 -8.77
CA VAL A 309 -18.77 -17.89 -10.20
C VAL A 309 -17.39 -17.25 -10.41
N THR A 310 -16.65 -17.76 -11.39
CA THR A 310 -15.27 -17.34 -11.66
C THR A 310 -15.23 -16.46 -12.91
N PHE A 311 -14.46 -15.38 -12.83
CA PHE A 311 -14.21 -14.46 -13.93
C PHE A 311 -12.73 -14.16 -14.05
N GLN A 312 -12.15 -14.44 -15.20
CA GLN A 312 -10.81 -13.94 -15.48
C GLN A 312 -10.86 -12.42 -15.52
N GLN A 313 -9.73 -11.79 -15.27
CA GLN A 313 -9.56 -10.39 -15.63
C GLN A 313 -10.21 -10.15 -16.99
N PRO A 314 -11.06 -9.11 -17.13
CA PRO A 314 -11.71 -8.90 -18.44
C PRO A 314 -10.69 -8.59 -19.53
N ASN A 315 -11.00 -9.04 -20.74
CA ASN A 315 -10.18 -8.70 -21.89
C ASN A 315 -10.14 -7.20 -22.17
N ALA A 316 -8.98 -6.73 -22.61
CA ALA A 316 -8.81 -5.36 -23.04
C ALA A 316 -8.09 -5.34 -24.38
N GLU A 317 -8.43 -4.35 -25.19
CA GLU A 317 -7.74 -4.10 -26.45
C GLU A 317 -7.19 -2.69 -26.39
N LEU A 318 -5.89 -2.56 -26.63
CA LEU A 318 -5.20 -1.29 -26.51
C LEU A 318 -4.07 -1.29 -27.53
N GLY A 319 -4.18 -0.42 -28.54
CA GLY A 319 -3.23 -0.46 -29.65
C GLY A 319 -3.24 -1.87 -30.22
N SER A 320 -2.06 -2.47 -30.34
CA SER A 320 -1.95 -3.83 -30.87
C SER A 320 -2.03 -4.92 -29.81
N TYR A 321 -2.21 -4.52 -28.55
CA TYR A 321 -2.41 -5.51 -27.48
C TYR A 321 -3.86 -5.96 -27.43
N SER A 322 -4.07 -7.26 -27.23
CA SER A 322 -5.38 -7.81 -26.95
C SER A 322 -5.23 -8.98 -25.99
N GLY A 323 -5.97 -8.98 -24.90
CA GLY A 323 -5.93 -10.09 -23.95
C GLY A 323 -6.29 -9.67 -22.54
N ASN A 324 -5.97 -10.52 -21.59
CA ASN A 324 -6.23 -10.22 -20.19
C ASN A 324 -5.05 -10.50 -19.28
N GLU A 325 -3.89 -10.81 -19.86
CA GLU A 325 -2.66 -11.01 -19.09
C GLU A 325 -1.85 -9.72 -19.07
N LEU A 326 -1.40 -9.32 -17.88
CA LEU A 326 -0.55 -8.16 -17.75
C LEU A 326 0.87 -8.60 -18.10
N ASN A 327 1.29 -8.32 -19.32
CA ASN A 327 2.59 -8.74 -19.84
C ASN A 327 3.30 -7.54 -20.50
N ASP A 328 4.52 -7.75 -21.00
CA ASP A 328 5.22 -6.59 -21.54
CA ASP A 328 5.32 -6.71 -21.69
C ASP A 328 4.53 -6.00 -22.76
N ASP A 329 3.79 -6.79 -23.54
CA ASP A 329 3.03 -6.25 -24.66
C ASP A 329 1.95 -5.30 -24.16
N TYR A 330 1.26 -5.68 -23.09
CA TYR A 330 0.29 -4.76 -22.48
C TYR A 330 0.94 -3.46 -22.02
N CYS A 331 2.03 -3.56 -21.25
CA CYS A 331 2.62 -2.39 -20.64
C CYS A 331 3.16 -1.44 -21.69
N THR A 332 3.71 -1.99 -22.77
CA THR A 332 4.23 -1.18 -23.88
C THR A 332 3.09 -0.50 -24.63
N ALA A 333 2.01 -1.23 -24.88
CA ALA A 333 0.82 -0.66 -25.51
C ALA A 333 0.20 0.42 -24.64
N GLU A 334 0.22 0.22 -23.32
CA GLU A 334 -0.35 1.21 -22.40
C GLU A 334 0.41 2.54 -22.47
N GLU A 335 1.73 2.48 -22.43
CA GLU A 335 2.55 3.68 -22.60
C GLU A 335 2.28 4.37 -23.95
N ALA A 336 2.13 3.57 -25.01
CA ALA A 336 1.87 4.14 -26.33
C ALA A 336 0.50 4.83 -26.43
N GLU A 337 -0.52 4.25 -25.81
CA GLU A 337 -1.89 4.76 -25.93
CA GLU A 337 -1.89 4.76 -25.93
C GLU A 337 -2.25 5.80 -24.88
N PHE A 338 -1.81 5.59 -23.64
CA PHE A 338 -2.12 6.53 -22.55
C PHE A 338 -1.02 7.57 -22.31
N GLY A 339 0.21 7.25 -22.72
CA GLY A 339 1.35 8.15 -22.51
C GLY A 339 2.22 7.72 -21.34
N GLY A 340 3.40 8.33 -21.23
CA GLY A 340 4.33 8.04 -20.13
C GLY A 340 5.44 7.11 -20.53
N SER A 341 6.55 7.15 -19.79
CA SER A 341 7.70 6.31 -20.10
C SER A 341 8.38 5.78 -18.83
N SER A 342 7.80 6.07 -17.66
CA SER A 342 8.41 5.72 -16.38
CA SER A 342 8.44 5.71 -16.40
C SER A 342 8.60 4.21 -16.19
N PHE A 343 7.56 3.43 -16.51
CA PHE A 343 7.61 1.97 -16.36
C PHE A 343 8.73 1.36 -17.21
N SER A 344 8.79 1.71 -18.50
CA SER A 344 9.84 1.22 -19.38
C SER A 344 11.23 1.78 -19.04
N ASP A 345 11.28 3.05 -18.65
CA ASP A 345 12.55 3.66 -18.22
C ASP A 345 13.19 2.89 -17.07
N LYS A 346 12.36 2.38 -16.17
CA LYS A 346 12.84 1.67 -14.99
C LYS A 346 13.05 0.16 -15.22
N GLY A 347 12.87 -0.29 -16.45
CA GLY A 347 13.19 -1.66 -16.81
C GLY A 347 12.02 -2.60 -16.99
N GLY A 348 10.79 -2.09 -16.84
CA GLY A 348 9.60 -2.89 -17.10
C GLY A 348 9.45 -4.15 -16.27
N LEU A 349 8.77 -5.13 -16.84
CA LEU A 349 8.51 -6.37 -16.11
C LEU A 349 9.76 -7.19 -15.85
N THR A 350 10.79 -7.01 -16.69
CA THR A 350 12.04 -7.73 -16.51
C THR A 350 12.72 -7.26 -15.21
N GLN A 351 12.75 -5.95 -15.00
CA GLN A 351 13.29 -5.42 -13.76
C GLN A 351 12.40 -5.77 -12.56
N PHE A 352 11.10 -5.71 -12.79
CA PHE A 352 10.14 -6.05 -11.74
C PHE A 352 10.27 -7.51 -11.28
N LYS A 353 10.58 -8.40 -12.21
CA LYS A 353 10.78 -9.81 -11.89
C LYS A 353 11.91 -10.03 -10.88
N LYS A 354 12.87 -9.11 -10.82
CA LYS A 354 13.89 -9.20 -9.78
C LYS A 354 13.29 -9.06 -8.39
N ALA A 355 12.25 -8.24 -8.27
CA ALA A 355 11.54 -8.08 -6.99
C ALA A 355 10.76 -9.33 -6.60
N THR A 356 9.97 -9.86 -7.53
CA THR A 356 9.13 -11.02 -7.24
C THR A 356 9.96 -12.31 -7.09
N SER A 357 11.18 -12.32 -7.60
CA SER A 357 12.10 -13.44 -7.44
CA SER A 357 12.05 -13.47 -7.42
C SER A 357 12.71 -13.48 -6.03
N GLY A 358 12.71 -12.32 -5.36
CA GLY A 358 13.21 -12.21 -3.99
C GLY A 358 12.05 -12.15 -3.01
N GLY A 359 12.34 -11.80 -1.77
CA GLY A 359 11.31 -11.67 -0.75
C GLY A 359 10.66 -10.29 -0.76
N MET A 360 9.35 -10.27 -0.54
CA MET A 360 8.61 -9.02 -0.37
C MET A 360 7.68 -9.15 0.82
N VAL A 361 7.42 -8.01 1.46
CA VAL A 361 6.57 -7.92 2.65
C VAL A 361 5.15 -7.52 2.24
N LEU A 362 4.18 -8.17 2.87
CA LEU A 362 2.75 -7.90 2.66
C LEU A 362 2.30 -6.71 3.50
N VAL A 363 1.68 -5.76 2.80
CA VAL A 363 1.16 -4.52 3.39
C VAL A 363 -0.36 -4.47 3.15
N MET A 364 -1.09 -4.13 4.20
CA MET A 364 -2.52 -3.84 4.07
C MET A 364 -2.77 -2.47 4.69
N SER A 365 -3.48 -1.62 3.96
CA SER A 365 -3.68 -0.26 4.41
C SER A 365 -5.06 0.28 4.04
N LEU A 366 -5.43 1.38 4.70
CA LEU A 366 -6.59 2.16 4.32
C LEU A 366 -6.19 3.63 4.38
N TRP A 367 -6.38 4.33 3.28
CA TRP A 367 -5.98 5.73 3.19
C TRP A 367 -6.88 6.57 2.35
N ASP A 368 -6.86 7.86 2.63
CA ASP A 368 -7.33 8.89 1.71
C ASP A 368 -6.12 9.69 1.27
N ASP A 369 -6.29 10.55 0.27
CA ASP A 369 -5.18 11.02 -0.54
C ASP A 369 -5.10 12.54 -0.50
N TYR A 370 -4.12 13.01 0.28
N TYR A 370 -4.17 13.09 0.30
CA TYR A 370 -3.88 14.42 0.55
CA TYR A 370 -4.07 14.55 0.41
C TYR A 370 -3.10 15.14 -0.56
C TYR A 370 -3.53 15.23 -0.84
N TYR A 371 -2.86 14.44 -1.68
CA TYR A 371 -2.16 15.02 -2.82
C TYR A 371 -3.00 15.03 -4.10
N ALA A 372 -3.83 14.02 -4.33
CA ALA A 372 -4.60 13.94 -5.57
C ALA A 372 -6.02 13.43 -5.37
N ASN A 373 -6.50 13.34 -4.13
CA ASN A 373 -7.90 13.02 -3.81
C ASN A 373 -8.39 11.68 -4.38
N MET A 374 -7.44 10.77 -4.65
CA MET A 374 -7.72 9.43 -5.20
C MET A 374 -8.33 9.46 -6.60
N LEU A 375 -8.24 10.60 -7.29
CA LEU A 375 -8.88 10.77 -8.59
C LEU A 375 -8.28 9.86 -9.65
N TRP A 376 -7.00 9.58 -9.49
CA TRP A 376 -6.27 8.67 -10.39
C TRP A 376 -6.81 7.26 -10.34
N LEU A 377 -7.50 6.90 -9.27
CA LEU A 377 -8.07 5.58 -9.11
C LEU A 377 -9.50 5.51 -9.61
N ASP A 378 -10.32 6.51 -9.25
CA ASP A 378 -11.77 6.34 -9.35
C ASP A 378 -12.52 7.47 -10.08
N SER A 379 -11.78 8.39 -10.70
CA SER A 379 -12.42 9.54 -11.35
C SER A 379 -11.76 9.81 -12.70
N THR A 380 -11.87 11.05 -13.17
CA THR A 380 -11.20 11.49 -14.37
C THR A 380 -9.97 12.29 -13.98
N TYR A 381 -8.82 11.93 -14.54
CA TYR A 381 -7.57 12.49 -14.08
C TYR A 381 -6.55 12.55 -15.22
N PRO A 382 -5.92 13.73 -15.41
CA PRO A 382 -6.21 15.01 -14.74
C PRO A 382 -7.65 15.47 -14.97
N THR A 383 -8.16 16.31 -14.07
CA THR A 383 -9.59 16.66 -14.04
C THR A 383 -10.07 17.54 -15.20
N ASN A 384 -9.13 18.13 -15.91
CA ASN A 384 -9.48 18.93 -17.09
C ASN A 384 -9.65 18.10 -18.37
N GLU A 385 -9.30 16.82 -18.29
CA GLU A 385 -9.47 15.91 -19.43
C GLU A 385 -10.91 15.39 -19.52
N THR A 386 -11.27 14.85 -20.68
CA THR A 386 -12.56 14.21 -20.86
C THR A 386 -12.35 12.77 -21.32
N SER A 387 -13.46 12.08 -21.60
CA SER A 387 -13.41 10.72 -22.12
C SER A 387 -12.74 10.62 -23.51
N SER A 388 -12.57 11.76 -24.16
CA SER A 388 -11.87 11.81 -25.46
C SER A 388 -10.36 11.65 -25.32
N THR A 389 -9.85 11.84 -24.10
CA THR A 389 -8.45 11.60 -23.80
C THR A 389 -8.28 10.14 -23.35
N PRO A 390 -7.49 9.35 -24.11
CA PRO A 390 -7.31 7.94 -23.78
C PRO A 390 -6.78 7.74 -22.36
N GLY A 391 -7.49 6.93 -21.58
CA GLY A 391 -7.09 6.60 -20.23
C GLY A 391 -7.42 7.62 -19.15
N ALA A 392 -8.02 8.75 -19.52
CA ALA A 392 -8.31 9.79 -18.53
C ALA A 392 -9.34 9.34 -17.49
N VAL A 393 -10.37 8.62 -17.94
CA VAL A 393 -11.48 8.21 -17.08
C VAL A 393 -11.15 6.87 -16.45
N ARG A 394 -11.03 6.85 -15.13
CA ARG A 394 -10.64 5.65 -14.38
C ARG A 394 -11.78 5.07 -13.53
N GLY A 395 -12.81 5.88 -13.32
CA GLY A 395 -14.00 5.48 -12.58
C GLY A 395 -15.07 6.54 -12.71
N SER A 396 -16.21 6.28 -12.07
CA SER A 396 -17.39 7.12 -12.20
C SER A 396 -17.51 8.21 -11.14
N CYS A 397 -16.52 8.34 -10.26
CA CYS A 397 -16.56 9.35 -9.20
C CYS A 397 -16.38 10.75 -9.80
N SER A 398 -17.08 11.72 -9.21
CA SER A 398 -16.90 13.12 -9.58
C SER A 398 -15.47 13.58 -9.42
N THR A 399 -15.03 14.48 -10.30
CA THR A 399 -13.70 15.07 -10.16
C THR A 399 -13.59 15.96 -8.91
N SER A 400 -14.72 16.21 -8.24
CA SER A 400 -14.75 16.97 -6.99
C SER A 400 -14.63 16.08 -5.75
N SER A 401 -14.59 14.76 -5.97
CA SER A 401 -14.63 13.79 -4.87
C SER A 401 -13.29 13.65 -4.16
N GLY A 402 -13.36 13.04 -2.97
CA GLY A 402 -12.18 12.60 -2.27
C GLY A 402 -11.36 13.62 -1.50
N VAL A 403 -11.90 14.82 -1.26
CA VAL A 403 -11.19 15.78 -0.41
C VAL A 403 -11.09 15.17 0.99
N PRO A 404 -9.84 15.01 1.51
CA PRO A 404 -9.73 14.26 2.77
C PRO A 404 -10.60 14.78 3.92
N ALA A 405 -10.60 16.10 4.16
CA ALA A 405 -11.37 16.61 5.29
C ALA A 405 -12.86 16.33 5.08
N GLN A 406 -13.31 16.41 3.83
CA GLN A 406 -14.71 16.14 3.52
C GLN A 406 -15.10 14.68 3.71
N VAL A 407 -14.34 13.75 3.14
CA VAL A 407 -14.67 12.32 3.28
CA VAL A 407 -14.69 12.33 3.28
C VAL A 407 -14.50 11.84 4.73
N GLU A 408 -13.55 12.44 5.46
CA GLU A 408 -13.38 12.08 6.87
C GLU A 408 -14.59 12.52 7.70
N SER A 409 -15.15 13.69 7.35
CA SER A 409 -16.33 14.21 8.03
CA SER A 409 -16.33 14.22 8.02
C SER A 409 -17.59 13.45 7.65
N GLN A 410 -17.71 13.09 6.37
CA GLN A 410 -18.94 12.46 5.86
C GLN A 410 -18.99 10.95 6.03
N SER A 411 -17.83 10.31 5.98
CA SER A 411 -17.77 8.85 5.97
C SER A 411 -16.83 8.29 7.04
N PRO A 412 -16.92 8.79 8.29
CA PRO A 412 -15.93 8.33 9.27
C PRO A 412 -16.01 6.83 9.57
N ASN A 413 -17.18 6.23 9.36
CA ASN A 413 -17.41 4.81 9.65
C ASN A 413 -17.06 3.87 8.49
N ALA A 414 -16.49 4.43 7.43
CA ALA A 414 -15.95 3.60 6.35
C ALA A 414 -14.90 2.64 6.92
N LYS A 415 -14.71 1.52 6.23
CA LYS A 415 -13.76 0.49 6.67
C LYS A 415 -13.50 -0.45 5.52
N VAL A 416 -12.41 -1.20 5.63
CA VAL A 416 -12.11 -2.32 4.72
C VAL A 416 -11.84 -3.56 5.57
N THR A 417 -12.26 -4.71 5.04
CA THR A 417 -11.95 -5.99 5.67
C THR A 417 -11.29 -6.92 4.66
N PHE A 418 -10.07 -7.34 4.97
CA PHE A 418 -9.33 -8.32 4.20
C PHE A 418 -9.37 -9.64 4.97
N SER A 419 -9.57 -10.75 4.28
CA SER A 419 -9.66 -12.03 4.98
C SER A 419 -9.21 -13.20 4.10
N ASN A 420 -9.02 -14.34 4.76
CA ASN A 420 -8.73 -15.60 4.09
C ASN A 420 -7.58 -15.52 3.08
N ILE A 421 -6.46 -14.98 3.53
CA ILE A 421 -5.25 -14.96 2.72
C ILE A 421 -4.76 -16.39 2.50
N LYS A 422 -4.49 -16.72 1.24
CA LYS A 422 -3.94 -18.02 0.87
C LYS A 422 -2.82 -17.80 -0.14
N PHE A 423 -1.71 -18.51 0.04
CA PHE A 423 -0.54 -18.31 -0.78
C PHE A 423 0.12 -19.65 -1.09
N GLY A 424 0.50 -19.86 -2.33
CA GLY A 424 1.23 -21.08 -2.69
C GLY A 424 1.45 -21.12 -4.17
N PRO A 425 1.90 -22.27 -4.70
CA PRO A 425 2.13 -22.41 -6.14
C PRO A 425 0.90 -22.07 -6.96
N ILE A 426 1.13 -21.55 -8.15
CA ILE A 426 0.03 -21.31 -9.07
C ILE A 426 -0.86 -22.56 -9.17
N GLY A 427 -2.18 -22.35 -9.12
CA GLY A 427 -3.15 -23.42 -9.19
C GLY A 427 -3.53 -24.07 -7.87
N SER A 428 -2.88 -23.66 -6.77
CA SER A 428 -3.03 -24.36 -5.49
C SER A 428 -4.00 -23.73 -4.49
N THR A 429 -4.30 -22.43 -4.61
CA THR A 429 -4.97 -21.74 -3.50
C THR A 429 -6.49 -21.95 -3.43
N GLY A 430 -7.08 -22.53 -4.48
CA GLY A 430 -8.51 -22.82 -4.47
C GLY A 430 -8.87 -24.12 -3.78
N ASN A 431 -7.85 -24.87 -3.35
CA ASN A 431 -8.04 -26.16 -2.70
C ASN A 431 -8.41 -25.96 -1.23
N PRO A 432 -8.88 -27.02 -0.54
CA PRO A 432 -9.39 -26.81 0.81
C PRO A 432 -8.37 -26.27 1.81
N SER A 433 -8.77 -25.26 2.58
CA SER A 433 -7.94 -24.74 3.67
C SER A 433 -7.79 -25.78 4.78
N GLY A 434 -6.65 -25.71 5.48
CA GLY A 434 -6.37 -26.62 6.59
C GLY A 434 -6.79 -26.03 7.93
#